data_7CRD
#
_entry.id   7CRD
#
_cell.length_a   81.391
_cell.length_b   81.391
_cell.length_c   60.423
_cell.angle_alpha   90.000
_cell.angle_beta   90.000
_cell.angle_gamma   120.000
#
_symmetry.space_group_name_H-M   'P 3'
#
loop_
_entity.id
_entity.type
_entity.pdbx_description
1 polymer 'Probable enoyl-CoA hydratase/isomerase'
2 water water
#
_entity_poly.entity_id   1
_entity_poly.type   'polypeptide(L)'
_entity_poly.pdbx_seq_one_letter_code
;MSELIRVERETGLLTLRLDRQDKKNALTRAMYSRMAEALLEAQADTAVRVVLITGGDACFTSGNDILDFLEQPPSLRDSP
VGRFMSALLEFPKPVIAAVNGPAVGIGTTLLLHCDLVFVGRNARLKMPFVNLGLTPEFGSSLILPRMLGHAKAAELLMLG
QDFSGEQAAAWGLANAALEDGATVLEHARDAARRFLHLAPSAVVESKRLMKAPFIEELRRVIAEEGDIFSTRLRSPEAIE
ALSAFMHRRQPDFSRFA
;
_entity_poly.pdbx_strand_id   D,A
#
# COMPACT_ATOMS: atom_id res chain seq x y z
N SER A 2 -19.77 -8.60 0.06
CA SER A 2 -19.35 -7.27 0.57
C SER A 2 -17.90 -7.38 1.03
N GLU A 3 -16.96 -6.81 0.30
CA GLU A 3 -15.57 -7.08 0.70
C GLU A 3 -14.83 -5.81 1.08
N LEU A 4 -15.37 -4.64 0.75
CA LEU A 4 -14.67 -3.35 1.06
C LEU A 4 -14.90 -2.94 2.51
N ILE A 5 -15.99 -3.39 3.13
CA ILE A 5 -16.17 -3.20 4.57
C ILE A 5 -16.27 -4.58 5.21
N ARG A 6 -15.44 -4.83 6.21
CA ARG A 6 -15.56 -6.05 7.02
C ARG A 6 -16.31 -5.74 8.30
N VAL A 7 -17.36 -6.50 8.56
CA VAL A 7 -18.13 -6.40 9.79
C VAL A 7 -17.77 -7.60 10.66
N GLU A 8 -17.03 -7.37 11.73
CA GLU A 8 -16.55 -8.43 12.63
C GLU A 8 -17.24 -8.29 13.99
N ARG A 9 -17.52 -9.44 14.62
CA ARG A 9 -18.27 -9.49 15.86
C ARG A 9 -17.46 -10.16 16.95
N GLU A 10 -17.62 -9.66 18.17
CA GLU A 10 -17.18 -10.34 19.38
C GLU A 10 -18.22 -10.07 20.46
N THR A 11 -17.98 -10.57 21.66
CA THR A 11 -18.94 -10.37 22.74
C THR A 11 -19.15 -8.87 22.95
N GLY A 12 -20.33 -8.37 22.57
CA GLY A 12 -20.71 -6.99 22.79
C GLY A 12 -20.12 -5.97 21.83
N LEU A 13 -19.17 -6.35 20.98
CA LEU A 13 -18.43 -5.40 20.17
C LEU A 13 -18.64 -5.69 18.70
N LEU A 14 -18.99 -4.66 17.93
CA LEU A 14 -19.07 -4.73 16.47
C LEU A 14 -17.99 -3.85 15.88
N THR A 15 -17.14 -4.42 15.04
CA THR A 15 -16.04 -3.69 14.42
C THR A 15 -16.32 -3.50 12.93
N LEU A 16 -16.30 -2.25 12.47
CA LEU A 16 -16.36 -1.96 11.05
C LEU A 16 -14.95 -1.67 10.57
N ARG A 17 -14.39 -2.54 9.74
CA ARG A 17 -13.03 -2.39 9.25
C ARG A 17 -13.06 -2.03 7.77
N LEU A 18 -12.55 -0.84 7.45
CA LEU A 18 -12.39 -0.44 6.06
C LEU A 18 -11.28 -1.29 5.45
N ASP A 19 -11.54 -1.89 4.28
CA ASP A 19 -10.60 -2.86 3.69
C ASP A 19 -10.52 -2.65 2.18
N ARG A 20 -9.99 -1.51 1.78
CA ARG A 20 -9.71 -1.16 0.39
C ARG A 20 -8.29 -0.61 0.31
N GLN A 21 -7.33 -1.42 0.76
CA GLN A 21 -5.98 -0.92 1.02
C GLN A 21 -5.24 -0.56 -0.26
N ASP A 22 -5.54 -1.24 -1.37
CA ASP A 22 -4.93 -0.87 -2.64
C ASP A 22 -5.20 0.58 -3.00
N LYS A 23 -6.28 1.16 -2.48
CA LYS A 23 -6.62 2.56 -2.74
C LYS A 23 -6.63 3.37 -1.45
N LYS A 24 -5.87 2.92 -0.45
CA LYS A 24 -5.72 3.64 0.82
C LYS A 24 -7.08 3.88 1.47
N ASN A 25 -7.97 2.89 1.34
CA ASN A 25 -9.30 2.91 1.94
C ASN A 25 -10.13 4.10 1.49
N ALA A 26 -9.90 4.60 0.27
CA ALA A 26 -10.76 5.63 -0.31
C ALA A 26 -12.20 5.14 -0.36
N LEU A 27 -13.12 5.97 0.11
CA LEU A 27 -14.47 5.53 0.43
C LEU A 27 -15.38 5.64 -0.80
N THR A 28 -15.99 4.52 -1.18
CA THR A 28 -16.92 4.45 -2.30
C THR A 28 -18.36 4.45 -1.82
N ARG A 29 -19.29 4.66 -2.76
CA ARG A 29 -20.71 4.64 -2.40
C ARG A 29 -21.08 3.34 -1.71
N ALA A 30 -20.57 2.20 -2.20
CA ALA A 30 -20.95 0.93 -1.60
C ALA A 30 -20.38 0.79 -0.19
N MET A 31 -19.25 1.43 0.09
CA MET A 31 -18.71 1.41 1.45
C MET A 31 -19.57 2.26 2.40
N TYR A 32 -19.97 3.45 1.97
CA TYR A 32 -20.86 4.26 2.79
C TYR A 32 -22.17 3.53 3.07
N SER A 33 -22.73 2.92 2.02
CA SER A 33 -24.00 2.22 2.16
C SER A 33 -23.88 1.07 3.15
N ARG A 34 -22.79 0.30 3.06
CA ARG A 34 -22.60 -0.83 3.95
C ARG A 34 -22.37 -0.38 5.39
N MET A 35 -21.61 0.69 5.58
CA MET A 35 -21.40 1.19 6.94
C MET A 35 -22.69 1.70 7.55
N ALA A 36 -23.49 2.43 6.77
CA ALA A 36 -24.77 2.91 7.28
C ALA A 36 -25.67 1.74 7.64
N GLU A 37 -25.73 0.74 6.77
CA GLU A 37 -26.56 -0.43 7.04
C GLU A 37 -26.12 -1.12 8.32
N ALA A 38 -24.81 -1.28 8.49
CA ALA A 38 -24.24 -1.98 9.64
C ALA A 38 -24.47 -1.20 10.92
N LEU A 39 -24.42 0.13 10.86
CA LEU A 39 -24.74 0.93 12.04
C LEU A 39 -26.20 0.81 12.41
N LEU A 40 -27.09 0.85 11.43
CA LEU A 40 -28.53 0.72 11.71
C LEU A 40 -28.87 -0.67 12.30
N GLU A 41 -28.23 -1.73 11.82
CA GLU A 41 -28.40 -3.09 12.37
C GLU A 41 -27.81 -3.13 13.78
N ALA A 42 -26.64 -2.53 13.98
CA ALA A 42 -25.98 -2.53 15.30
C ALA A 42 -26.87 -1.82 16.30
N GLN A 43 -27.45 -0.72 15.87
CA GLN A 43 -28.32 0.06 16.72
C GLN A 43 -29.51 -0.75 17.19
N ALA A 44 -30.00 -1.66 16.36
CA ALA A 44 -31.16 -2.47 16.71
C ALA A 44 -30.80 -3.76 17.45
N ASP A 45 -29.54 -4.20 17.38
CA ASP A 45 -29.11 -5.47 17.96
C ASP A 45 -28.71 -5.25 19.41
N THR A 46 -29.53 -5.74 20.34
CA THR A 46 -29.19 -5.63 21.76
C THR A 46 -27.89 -6.35 22.11
N ALA A 47 -27.45 -7.30 21.30
CA ALA A 47 -26.18 -7.97 21.55
C ALA A 47 -24.99 -7.06 21.26
N VAL A 48 -25.18 -5.98 20.51
CA VAL A 48 -24.12 -5.04 20.20
C VAL A 48 -24.21 -3.89 21.18
N ARG A 49 -23.14 -3.69 21.93
CA ARG A 49 -23.11 -2.63 22.92
C ARG A 49 -22.17 -1.50 22.54
N VAL A 50 -21.14 -1.78 21.75
CA VAL A 50 -20.13 -0.81 21.35
C VAL A 50 -19.74 -1.10 19.90
N VAL A 51 -19.53 -0.04 19.11
CA VAL A 51 -19.04 -0.15 17.74
C VAL A 51 -17.63 0.44 17.64
N LEU A 52 -16.74 -0.26 16.96
CA LEU A 52 -15.38 0.22 16.68
C LEU A 52 -15.22 0.41 15.17
N ILE A 53 -14.67 1.55 14.78
CA ILE A 53 -14.43 1.85 13.37
C ILE A 53 -12.92 1.98 13.17
N THR A 54 -12.39 1.27 12.17
CA THR A 54 -10.96 1.28 11.94
C THR A 54 -10.66 0.92 10.50
N GLY A 55 -9.46 1.30 10.06
CA GLY A 55 -8.97 0.87 8.77
C GLY A 55 -7.80 -0.10 8.91
N GLY A 56 -7.43 -0.45 10.13
CA GLY A 56 -6.34 -1.37 10.38
C GLY A 56 -5.08 -0.69 10.88
N ASP A 57 -3.97 -1.43 10.80
CA ASP A 57 -2.73 -1.00 11.42
C ASP A 57 -2.00 0.10 10.66
N ALA A 58 -2.34 0.33 9.40
CA ALA A 58 -1.54 1.20 8.56
C ALA A 58 -2.28 2.39 7.99
N CYS A 59 -3.59 2.28 7.81
CA CYS A 59 -4.31 3.33 7.07
C CYS A 59 -5.73 3.37 7.58
N PHE A 60 -6.24 4.58 7.79
CA PHE A 60 -7.65 4.77 8.17
C PHE A 60 -8.47 5.02 6.91
N THR A 61 -8.31 6.20 6.31
CA THR A 61 -8.86 6.39 4.97
C THR A 61 -8.29 7.65 4.35
N SER A 62 -8.04 7.58 3.04
CA SER A 62 -7.62 8.74 2.27
C SER A 62 -8.78 9.67 1.92
N GLY A 63 -9.98 9.39 2.36
CA GLY A 63 -11.13 10.25 2.13
C GLY A 63 -12.06 9.69 1.08
N ASN A 64 -13.04 10.52 0.72
CA ASN A 64 -13.96 10.16 -0.35
C ASN A 64 -13.19 9.91 -1.64
N ASP A 65 -13.57 8.84 -2.34
CA ASP A 65 -12.98 8.57 -3.64
C ASP A 65 -13.19 9.76 -4.56
N ILE A 66 -12.10 10.28 -5.13
CA ILE A 66 -12.21 11.50 -5.94
C ILE A 66 -13.03 11.23 -7.20
N LEU A 67 -12.90 10.02 -7.76
CA LEU A 67 -13.70 9.70 -8.94
C LEU A 67 -15.18 9.67 -8.64
N ASP A 68 -15.57 9.35 -7.39
CA ASP A 68 -16.95 9.55 -6.98
C ASP A 68 -17.31 11.04 -6.99
N PHE A 69 -16.37 11.93 -6.63
CA PHE A 69 -16.69 13.38 -6.69
C PHE A 69 -16.88 13.82 -8.14
N LEU A 70 -16.04 13.32 -9.01
CA LEU A 70 -16.09 13.67 -10.45
C LEU A 70 -17.28 13.08 -11.19
N GLU A 71 -17.61 11.81 -10.96
CA GLU A 71 -18.76 11.17 -11.65
C GLU A 71 -19.91 10.97 -10.67
N GLN A 72 -21.14 11.24 -11.12
CA GLN A 72 -22.36 11.03 -10.28
C GLN A 72 -22.15 11.79 -8.98
N PRO A 73 -21.70 13.06 -8.98
CA PRO A 73 -21.42 13.74 -7.71
C PRO A 73 -22.56 14.18 -6.78
N PRO A 74 -23.62 14.80 -7.27
CA PRO A 74 -24.55 15.42 -6.35
C PRO A 74 -25.77 14.79 -5.65
N SER A 75 -25.61 14.47 -4.35
CA SER A 75 -26.74 14.06 -3.47
C SER A 75 -26.55 14.62 -2.04
N LEU A 76 -27.63 15.10 -1.42
CA LEU A 76 -27.48 15.71 -0.07
C LEU A 76 -27.79 14.67 1.00
N ARG A 77 -28.92 14.84 1.66
CA ARG A 77 -29.38 13.92 2.71
C ARG A 77 -29.58 12.55 2.08
N ASP A 78 -30.17 12.52 0.87
CA ASP A 78 -30.50 11.21 0.28
C ASP A 78 -29.38 10.77 -0.68
N SER A 79 -28.45 10.01 -0.14
CA SER A 79 -27.32 9.47 -0.87
C SER A 79 -26.62 8.51 0.08
N PRO A 80 -25.71 7.67 -0.41
CA PRO A 80 -24.97 6.80 0.51
C PRO A 80 -24.21 7.56 1.58
N VAL A 81 -23.50 8.64 1.22
CA VAL A 81 -22.74 9.36 2.23
C VAL A 81 -23.68 10.06 3.21
N GLY A 82 -24.80 10.57 2.71
CA GLY A 82 -25.78 11.20 3.59
C GLY A 82 -26.34 10.21 4.59
N ARG A 83 -26.63 8.99 4.15
CA ARG A 83 -27.11 7.96 5.06
C ARG A 83 -26.04 7.57 6.07
N PHE A 84 -24.78 7.51 5.65
CA PHE A 84 -23.73 7.20 6.60
C PHE A 84 -23.61 8.31 7.65
N MET A 85 -23.55 9.57 7.21
CA MET A 85 -23.40 10.66 8.16
C MET A 85 -24.55 10.68 9.16
N SER A 86 -25.78 10.48 8.67
CA SER A 86 -26.93 10.47 9.56
C SER A 86 -26.87 9.27 10.50
N ALA A 87 -26.53 8.09 9.98
CA ALA A 87 -26.49 6.90 10.83
C ALA A 87 -25.50 7.11 11.98
N LEU A 88 -24.33 7.68 11.69
CA LEU A 88 -23.31 7.88 12.73
C LEU A 88 -23.72 9.00 13.68
N LEU A 89 -24.17 10.14 13.13
CA LEU A 89 -24.57 11.28 13.95
C LEU A 89 -25.62 10.90 14.98
N GLU A 90 -26.59 10.07 14.59
CA GLU A 90 -27.69 9.71 15.47
C GLU A 90 -27.44 8.44 16.25
N PHE A 91 -26.30 7.79 16.03
CA PHE A 91 -26.07 6.48 16.63
C PHE A 91 -26.07 6.57 18.15
N PRO A 92 -26.92 5.80 18.84
CA PRO A 92 -27.11 6.02 20.28
C PRO A 92 -26.13 5.28 21.18
N LYS A 93 -25.36 4.34 20.66
CA LYS A 93 -24.44 3.54 21.45
C LYS A 93 -23.01 4.06 21.29
N PRO A 94 -22.09 3.67 22.18
CA PRO A 94 -20.70 4.15 22.04
C PRO A 94 -20.09 3.73 20.71
N VAL A 95 -19.40 4.68 20.07
CA VAL A 95 -18.60 4.44 18.86
C VAL A 95 -17.18 4.85 19.15
N ILE A 96 -16.23 3.99 18.80
CA ILE A 96 -14.81 4.20 19.06
C ILE A 96 -14.07 4.13 17.73
N ALA A 97 -13.25 5.12 17.44
CA ALA A 97 -12.39 5.11 16.27
C ALA A 97 -10.98 4.70 16.64
N ALA A 98 -10.38 3.83 15.83
CA ALA A 98 -8.96 3.48 15.97
C ALA A 98 -8.28 3.83 14.66
N VAL A 99 -7.45 4.87 14.68
CA VAL A 99 -6.97 5.55 13.48
C VAL A 99 -5.47 5.34 13.33
N ASN A 100 -5.03 4.81 12.16
CA ASN A 100 -3.62 4.80 11.79
C ASN A 100 -3.44 5.45 10.41
N GLY A 101 -2.23 5.97 10.18
CA GLY A 101 -1.87 6.53 8.89
C GLY A 101 -2.78 7.66 8.48
N PRO A 102 -3.07 7.77 7.18
CA PRO A 102 -3.92 8.88 6.73
C PRO A 102 -5.34 8.77 7.26
N ALA A 103 -5.90 9.93 7.62
CA ALA A 103 -7.30 10.09 7.99
C ALA A 103 -7.69 11.42 7.35
N VAL A 104 -8.23 11.36 6.12
CA VAL A 104 -8.34 12.55 5.29
C VAL A 104 -9.81 12.84 4.99
N GLY A 105 -10.17 14.12 5.03
CA GLY A 105 -11.52 14.53 4.65
C GLY A 105 -12.55 14.04 5.63
N ILE A 106 -13.51 13.23 5.17
CA ILE A 106 -14.46 12.65 6.11
C ILE A 106 -13.76 11.68 7.07
N GLY A 107 -12.57 11.20 6.70
CA GLY A 107 -11.76 10.42 7.63
C GLY A 107 -11.44 11.16 8.91
N THR A 108 -11.28 12.48 8.83
CA THR A 108 -11.12 13.28 10.04
C THR A 108 -12.46 13.77 10.56
N THR A 109 -13.38 14.25 9.69
CA THR A 109 -14.60 14.82 10.23
C THR A 109 -15.46 13.76 10.92
N LEU A 110 -15.40 12.49 10.50
CA LEU A 110 -16.25 11.52 11.19
C LEU A 110 -15.78 11.30 12.62
N LEU A 111 -14.50 11.58 12.91
CA LEU A 111 -14.04 11.44 14.28
C LEU A 111 -14.73 12.42 15.22
N LEU A 112 -15.33 13.49 14.68
CA LEU A 112 -16.04 14.47 15.49
C LEU A 112 -17.35 13.91 16.02
N HIS A 113 -17.78 12.77 15.51
CA HIS A 113 -19.03 12.12 15.91
C HIS A 113 -18.78 10.80 16.63
N CYS A 114 -17.56 10.55 17.06
CA CYS A 114 -17.24 9.34 17.80
C CYS A 114 -17.12 9.69 19.28
N ASP A 115 -17.43 8.72 20.13
CA ASP A 115 -17.34 8.95 21.56
C ASP A 115 -15.92 8.82 22.08
N LEU A 116 -15.10 7.91 21.52
CA LEU A 116 -13.67 7.89 21.81
C LEU A 116 -12.90 7.80 20.51
N VAL A 117 -11.75 8.46 20.47
CA VAL A 117 -10.91 8.49 19.28
C VAL A 117 -9.47 8.19 19.72
N PHE A 118 -8.90 7.10 19.19
CA PHE A 118 -7.51 6.74 19.43
C PHE A 118 -6.75 6.76 18.12
N VAL A 119 -5.60 7.40 18.13
CA VAL A 119 -4.83 7.60 16.91
C VAL A 119 -3.40 7.15 17.15
N GLY A 120 -2.73 6.70 16.09
CA GLY A 120 -1.29 6.56 16.16
C GLY A 120 -0.66 7.94 16.21
N ARG A 121 0.42 8.08 17.01
CA ARG A 121 0.95 9.42 17.15
C ARG A 121 1.46 9.99 15.84
N ASN A 122 1.84 9.15 14.87
CA ASN A 122 2.26 9.63 13.56
C ASN A 122 1.16 9.51 12.51
N ALA A 123 -0.08 9.29 12.91
CA ALA A 123 -1.16 9.38 11.94
C ALA A 123 -1.15 10.76 11.28
N ARG A 124 -1.78 10.86 10.11
CA ARG A 124 -1.78 12.11 9.35
C ARG A 124 -3.20 12.52 9.05
N LEU A 125 -3.66 13.55 9.72
CA LEU A 125 -5.05 14.02 9.60
C LEU A 125 -5.08 15.33 8.84
N LYS A 126 -6.06 15.43 7.96
CA LYS A 126 -6.28 16.69 7.22
C LYS A 126 -7.71 16.76 6.67
N MET A 127 -8.14 17.98 6.41
CA MET A 127 -9.46 18.25 5.79
C MET A 127 -9.15 19.10 4.56
N PRO A 128 -8.88 18.47 3.41
CA PRO A 128 -8.32 19.21 2.27
C PRO A 128 -9.42 19.73 1.36
N PHE A 129 -10.61 19.97 1.91
CA PHE A 129 -11.74 20.40 1.09
C PHE A 129 -11.37 21.63 0.27
N VAL A 130 -10.77 22.64 0.91
CA VAL A 130 -10.48 23.89 0.22
C VAL A 130 -9.46 23.68 -0.89
N ASN A 131 -8.53 22.72 -0.72
CA ASN A 131 -7.57 22.42 -1.77
C ASN A 131 -8.24 21.83 -3.00
N LEU A 132 -9.43 21.26 -2.84
CA LEU A 132 -10.19 20.68 -3.94
C LEU A 132 -11.31 21.59 -4.43
N GLY A 133 -11.30 22.86 -4.02
CA GLY A 133 -12.37 23.78 -4.37
C GLY A 133 -13.68 23.53 -3.65
N LEU A 134 -13.63 22.81 -2.53
CA LEU A 134 -14.84 22.44 -1.80
C LEU A 134 -14.85 23.11 -0.43
N THR A 135 -15.86 22.81 0.37
CA THR A 135 -16.15 23.47 1.62
C THR A 135 -16.29 22.46 2.74
N PRO A 136 -16.42 22.91 4.01
CA PRO A 136 -16.49 21.95 5.13
C PRO A 136 -17.73 21.06 5.09
N GLU A 137 -17.59 19.86 5.65
CA GLU A 137 -18.73 18.95 5.74
C GLU A 137 -18.78 18.24 7.10
N PHE A 138 -19.86 17.48 7.28
CA PHE A 138 -20.14 16.69 8.49
C PHE A 138 -20.20 17.55 9.76
N GLY A 139 -20.63 18.80 9.60
CA GLY A 139 -20.76 19.66 10.77
C GLY A 139 -19.45 20.25 11.26
N SER A 140 -18.36 20.06 10.54
CA SER A 140 -17.07 20.57 11.00
C SER A 140 -17.02 22.10 11.03
N SER A 141 -17.80 22.78 10.18
CA SER A 141 -17.81 24.25 10.22
C SER A 141 -18.45 24.80 11.49
N LEU A 142 -19.22 23.99 12.19
CA LEU A 142 -19.76 24.31 13.51
C LEU A 142 -18.88 23.78 14.63
N ILE A 143 -18.49 22.51 14.53
CA ILE A 143 -17.85 21.84 15.66
C ILE A 143 -16.46 22.40 15.89
N LEU A 144 -15.67 22.53 14.82
CA LEU A 144 -14.27 22.89 15.01
C LEU A 144 -14.09 24.31 15.53
N PRO A 145 -14.80 25.33 15.01
CA PRO A 145 -14.62 26.67 15.60
C PRO A 145 -15.09 26.72 17.03
N ARG A 146 -16.12 25.96 17.38
CA ARG A 146 -16.62 26.00 18.76
C ARG A 146 -15.62 25.38 19.71
N MET A 147 -15.00 24.27 19.31
CA MET A 147 -14.08 23.56 20.18
C MET A 147 -12.70 24.23 20.23
N LEU A 148 -12.22 24.71 19.09
CA LEU A 148 -10.85 25.18 18.97
C LEU A 148 -10.73 26.69 18.90
N GLY A 149 -11.84 27.41 18.81
CA GLY A 149 -11.81 28.80 18.40
C GLY A 149 -11.65 28.95 16.90
N HIS A 150 -12.06 30.11 16.40
CA HIS A 150 -12.11 30.32 14.95
C HIS A 150 -10.73 30.19 14.31
N ALA A 151 -9.73 30.89 14.85
CA ALA A 151 -8.43 30.96 14.18
C ALA A 151 -7.80 29.59 14.03
N LYS A 152 -7.83 28.77 15.08
CA LYS A 152 -7.23 27.45 14.96
C LYS A 152 -8.04 26.58 14.02
N ALA A 153 -9.38 26.69 14.07
CA ALA A 153 -10.21 25.94 13.13
C ALA A 153 -9.99 26.43 11.70
N ALA A 154 -9.69 27.72 11.53
CA ALA A 154 -9.46 28.27 10.20
C ALA A 154 -8.22 27.70 9.56
N GLU A 155 -7.16 27.53 10.36
CA GLU A 155 -5.96 26.88 9.87
C GLU A 155 -6.29 25.51 9.28
N LEU A 156 -7.18 24.77 9.94
CA LEU A 156 -7.55 23.45 9.46
C LEU A 156 -8.50 23.51 8.27
N LEU A 157 -9.49 24.40 8.30
CA LEU A 157 -10.54 24.38 7.28
C LEU A 157 -10.30 25.34 6.12
N MET A 158 -9.85 26.57 6.37
CA MET A 158 -9.61 27.51 5.28
C MET A 158 -8.27 27.27 4.58
N LEU A 159 -7.32 26.60 5.24
CA LEU A 159 -6.03 26.27 4.66
C LEU A 159 -5.84 24.80 4.38
N GLY A 160 -6.63 23.93 5.01
CA GLY A 160 -6.44 22.50 4.84
C GLY A 160 -5.18 21.98 5.48
N GLN A 161 -4.70 22.64 6.54
CA GLN A 161 -3.44 22.27 7.18
C GLN A 161 -3.52 20.87 7.77
N ASP A 162 -2.50 20.06 7.50
CA ASP A 162 -2.51 18.73 8.06
C ASP A 162 -1.89 18.74 9.46
N PHE A 163 -2.20 17.70 10.23
CA PHE A 163 -1.69 17.61 11.59
C PHE A 163 -1.50 16.16 11.95
N SER A 164 -0.67 15.93 12.97
CA SER A 164 -0.32 14.59 13.38
C SER A 164 -1.33 14.05 14.39
N GLY A 165 -1.27 12.74 14.62
CA GLY A 165 -2.08 12.14 15.67
C GLY A 165 -1.75 12.72 17.05
N GLU A 166 -0.46 12.97 17.30
CA GLU A 166 -0.07 13.61 18.55
C GLU A 166 -0.73 14.98 18.68
N GLN A 167 -0.71 15.76 17.59
CA GLN A 167 -1.36 17.05 17.62
C GLN A 167 -2.88 16.89 17.82
N ALA A 168 -3.47 15.86 17.19
CA ALA A 168 -4.92 15.65 17.38
C ALA A 168 -5.25 15.40 18.86
N ALA A 169 -4.42 14.62 19.55
CA ALA A 169 -4.67 14.38 20.97
C ALA A 169 -4.43 15.64 21.80
N ALA A 170 -3.39 16.41 21.48
CA ALA A 170 -3.14 17.62 22.22
C ALA A 170 -4.29 18.61 22.10
N TRP A 171 -4.98 18.62 20.96
CA TRP A 171 -6.12 19.51 20.73
C TRP A 171 -7.43 18.93 21.23
N GLY A 172 -7.45 17.67 21.65
CA GLY A 172 -8.66 17.02 22.11
C GLY A 172 -9.52 16.40 21.04
N LEU A 173 -9.10 16.43 19.77
CA LEU A 173 -9.83 15.67 18.76
C LEU A 173 -9.63 14.16 18.95
N ALA A 174 -8.50 13.75 19.52
CA ALA A 174 -8.27 12.37 19.91
C ALA A 174 -8.13 12.29 21.42
N ASN A 175 -8.62 11.19 22.00
CA ASN A 175 -8.47 10.97 23.43
C ASN A 175 -7.03 10.62 23.80
N ALA A 176 -6.30 9.97 22.89
CA ALA A 176 -4.94 9.54 23.16
C ALA A 176 -4.25 9.25 21.82
N ALA A 177 -2.99 9.62 21.75
CA ALA A 177 -2.11 9.25 20.65
C ALA A 177 -1.16 8.17 21.14
N LEU A 178 -1.08 7.08 20.40
CA LEU A 178 -0.41 5.88 20.86
C LEU A 178 0.67 5.46 19.86
N GLU A 179 1.46 4.48 20.29
CA GLU A 179 2.40 3.85 19.36
C GLU A 179 1.66 3.40 18.12
N ASP A 180 2.20 3.74 16.96
CA ASP A 180 1.50 3.49 15.71
C ASP A 180 1.34 2.00 15.45
N GLY A 181 0.19 1.66 14.87
CA GLY A 181 -0.06 0.31 14.44
C GLY A 181 -1.06 -0.44 15.28
N ALA A 182 -0.74 -1.72 15.52
CA ALA A 182 -1.66 -2.62 16.21
C ALA A 182 -1.98 -2.13 17.61
N THR A 183 -1.05 -1.41 18.25
CA THR A 183 -1.30 -0.87 19.57
C THR A 183 -2.55 0.01 19.59
N VAL A 184 -2.80 0.76 18.52
CA VAL A 184 -3.96 1.65 18.50
C VAL A 184 -5.25 0.85 18.61
N LEU A 185 -5.34 -0.24 17.84
CA LEU A 185 -6.58 -1.02 17.82
C LEU A 185 -6.77 -1.82 19.10
N GLU A 186 -5.67 -2.32 19.67
CA GLU A 186 -5.76 -3.05 20.93
C GLU A 186 -6.22 -2.14 22.06
N HIS A 187 -5.69 -0.92 22.11
CA HIS A 187 -6.16 0.07 23.09
C HIS A 187 -7.63 0.42 22.88
N ALA A 188 -8.07 0.56 21.62
CA ALA A 188 -9.46 0.86 21.36
C ALA A 188 -10.37 -0.28 21.78
N ARG A 189 -9.95 -1.52 21.53
CA ARG A 189 -10.73 -2.67 21.98
C ARG A 189 -10.80 -2.73 23.50
N ASP A 190 -9.69 -2.39 24.18
CA ASP A 190 -9.74 -2.39 25.64
C ASP A 190 -10.67 -1.29 26.15
N ALA A 191 -10.75 -0.17 25.43
CA ALA A 191 -11.72 0.87 25.80
C ALA A 191 -13.15 0.37 25.62
N ALA A 192 -13.41 -0.39 24.55
CA ALA A 192 -14.72 -0.99 24.33
C ALA A 192 -15.06 -1.95 25.46
N ARG A 193 -14.11 -2.83 25.83
CA ARG A 193 -14.35 -3.75 26.93
C ARG A 193 -14.63 -3.01 28.23
N ARG A 194 -14.03 -1.84 28.40
CA ARG A 194 -14.31 -1.01 29.57
C ARG A 194 -15.78 -0.59 29.61
N PHE A 195 -16.33 -0.21 28.45
CA PHE A 195 -17.75 0.15 28.36
C PHE A 195 -18.65 -1.01 28.75
N LEU A 196 -18.21 -2.25 28.51
CA LEU A 196 -19.04 -3.42 28.78
C LEU A 196 -19.28 -3.65 30.27
N HIS A 197 -18.46 -3.06 31.15
CA HIS A 197 -18.67 -3.22 32.58
C HIS A 197 -19.67 -2.23 33.17
N LEU A 198 -20.09 -1.22 32.42
CA LEU A 198 -20.92 -0.14 32.96
C LEU A 198 -22.40 -0.44 32.77
N ALA A 199 -23.26 0.31 33.45
CA ALA A 199 -24.68 0.12 33.22
C ALA A 199 -25.03 0.57 31.79
N PRO A 200 -25.55 -0.32 30.95
CA PRO A 200 -25.76 0.05 29.54
C PRO A 200 -26.64 1.27 29.34
N SER A 201 -27.75 1.38 30.05
CA SER A 201 -28.59 2.54 29.78
C SER A 201 -28.02 3.80 30.42
N ALA A 202 -27.14 3.69 31.42
CA ALA A 202 -26.48 4.89 31.93
C ALA A 202 -25.51 5.47 30.91
N VAL A 203 -24.75 4.61 30.24
CA VAL A 203 -23.84 5.05 29.17
C VAL A 203 -24.64 5.68 28.04
N VAL A 204 -25.68 4.99 27.58
CA VAL A 204 -26.47 5.46 26.45
C VAL A 204 -27.19 6.77 26.79
N GLU A 205 -27.78 6.85 27.99
CA GLU A 205 -28.46 8.09 28.36
C GLU A 205 -27.46 9.24 28.56
N SER A 206 -26.29 8.94 29.10
CA SER A 206 -25.27 9.99 29.23
C SER A 206 -24.89 10.54 27.87
N LYS A 207 -24.64 9.66 26.89
CA LYS A 207 -24.34 10.12 25.54
C LYS A 207 -25.49 10.96 24.98
N ARG A 208 -26.73 10.52 25.19
CA ARG A 208 -27.89 11.26 24.67
C ARG A 208 -27.93 12.67 25.23
N LEU A 209 -27.76 12.79 26.55
CA LEU A 209 -27.71 14.10 27.21
C LEU A 209 -26.56 14.96 26.70
N MET A 210 -25.40 14.34 26.43
CA MET A 210 -24.28 15.12 25.91
C MET A 210 -24.55 15.68 24.53
N LYS A 211 -25.35 15.00 23.71
CA LYS A 211 -25.63 15.46 22.35
C LYS A 211 -26.88 16.32 22.28
N ALA A 212 -27.79 16.16 23.24
CA ALA A 212 -29.10 16.81 23.14
C ALA A 212 -29.05 18.32 22.95
N PRO A 213 -28.21 19.09 23.66
CA PRO A 213 -28.23 20.54 23.44
C PRO A 213 -27.73 20.96 22.08
N PHE A 214 -27.04 20.06 21.36
CA PHE A 214 -26.31 20.40 20.15
C PHE A 214 -26.93 19.83 18.88
N ILE A 215 -27.68 18.77 19.03
CA ILE A 215 -28.09 17.96 17.85
C ILE A 215 -28.94 18.69 16.81
N GLU A 216 -29.92 19.49 17.22
CA GLU A 216 -30.77 20.17 16.22
C GLU A 216 -29.94 21.14 15.38
N GLU A 217 -29.09 21.94 15.99
CA GLU A 217 -28.22 22.87 15.26
C GLU A 217 -27.27 22.07 14.36
N LEU A 218 -26.70 20.99 14.86
CA LEU A 218 -25.79 20.18 14.04
C LEU A 218 -26.49 19.63 12.81
N ARG A 219 -27.72 19.11 12.97
CA ARG A 219 -28.48 18.63 11.82
C ARG A 219 -28.69 19.73 10.79
N ARG A 220 -28.98 20.95 11.24
CA ARG A 220 -29.19 22.07 10.34
C ARG A 220 -27.91 22.44 9.61
N VAL A 221 -26.79 22.52 10.34
CA VAL A 221 -25.50 22.87 9.71
C VAL A 221 -25.10 21.79 8.71
N ILE A 222 -25.27 20.52 9.06
CA ILE A 222 -24.95 19.46 8.12
C ILE A 222 -25.75 19.62 6.83
N ALA A 223 -27.02 20.04 6.95
CA ALA A 223 -27.84 20.24 5.77
C ALA A 223 -27.35 21.42 4.95
N GLU A 224 -27.07 22.55 5.61
CA GLU A 224 -26.60 23.73 4.89
C GLU A 224 -25.25 23.47 4.23
N GLU A 225 -24.30 22.89 4.99
CA GLU A 225 -23.02 22.48 4.40
C GLU A 225 -23.22 21.64 3.15
N GLY A 226 -24.12 20.65 3.22
CA GLY A 226 -24.23 19.71 2.13
C GLY A 226 -24.81 20.34 0.88
N ASP A 227 -25.74 21.27 1.04
CA ASP A 227 -26.27 22.04 -0.09
C ASP A 227 -25.15 22.79 -0.80
N ILE A 228 -24.33 23.51 -0.01
CA ILE A 228 -23.20 24.25 -0.55
C ILE A 228 -22.21 23.30 -1.20
N PHE A 229 -21.92 22.20 -0.53
CA PHE A 229 -20.91 21.24 -1.03
C PHE A 229 -21.36 20.66 -2.37
N SER A 230 -22.61 20.30 -2.45
CA SER A 230 -23.15 19.72 -3.70
C SER A 230 -23.08 20.78 -4.81
N THR A 231 -23.44 22.02 -4.49
CA THR A 231 -23.34 23.12 -5.45
C THR A 231 -21.92 23.30 -5.93
N ARG A 232 -20.96 23.29 -4.99
CA ARG A 232 -19.57 23.47 -5.38
C ARG A 232 -19.05 22.32 -6.21
N LEU A 233 -19.52 21.09 -5.95
CA LEU A 233 -19.02 19.95 -6.72
C LEU A 233 -19.44 20.04 -8.18
N ARG A 234 -20.50 20.77 -8.48
CA ARG A 234 -20.95 20.96 -9.84
C ARG A 234 -20.37 22.21 -10.46
N SER A 235 -19.60 22.97 -9.70
CA SER A 235 -19.02 24.24 -10.17
C SER A 235 -17.71 24.03 -10.94
N PRO A 236 -17.39 24.90 -11.89
CA PRO A 236 -16.13 24.83 -12.61
C PRO A 236 -14.92 24.94 -11.67
N GLU A 237 -14.97 25.78 -10.65
CA GLU A 237 -13.79 25.96 -9.78
C GLU A 237 -13.43 24.62 -9.15
N ALA A 238 -14.40 23.93 -8.59
CA ALA A 238 -14.16 22.62 -7.95
C ALA A 238 -13.81 21.54 -8.97
N ILE A 239 -14.45 21.53 -10.12
CA ILE A 239 -14.17 20.47 -11.13
C ILE A 239 -12.69 20.57 -11.52
N GLU A 240 -12.21 21.77 -11.78
CA GLU A 240 -10.80 21.97 -12.14
C GLU A 240 -9.86 21.57 -10.98
N ALA A 241 -10.18 21.97 -9.74
CA ALA A 241 -9.29 21.65 -8.62
C ALA A 241 -9.24 20.14 -8.46
N LEU A 242 -10.40 19.49 -8.55
CA LEU A 242 -10.51 18.04 -8.44
C LEU A 242 -9.80 17.45 -9.66
N SER A 243 -10.02 18.06 -10.81
CA SER A 243 -9.34 17.57 -12.01
C SER A 243 -7.83 17.77 -11.87
N ALA A 244 -7.39 18.83 -11.22
CA ALA A 244 -5.94 19.08 -11.07
C ALA A 244 -5.34 18.12 -10.05
N PHE A 245 -6.05 17.86 -8.95
CA PHE A 245 -5.50 16.94 -7.93
C PHE A 245 -5.31 15.57 -8.56
N MET A 246 -6.32 15.11 -9.29
CA MET A 246 -6.18 13.86 -10.03
C MET A 246 -5.26 14.17 -11.20
N HIS A 247 -4.39 13.26 -11.59
CA HIS A 247 -3.45 13.60 -12.67
C HIS A 247 -2.67 14.88 -12.32
N ARG A 248 -2.09 14.83 -11.13
CA ARG A 248 -1.25 15.85 -10.47
C ARG A 248 -0.68 16.87 -11.43
N SER B 2 7.44 -27.48 0.68
CA SER B 2 7.75 -26.04 0.47
C SER B 2 9.26 -25.93 0.30
N GLU B 3 9.85 -26.45 -0.77
CA GLU B 3 11.31 -26.58 -0.64
C GLU B 3 12.18 -25.84 -1.66
N LEU B 4 11.64 -25.34 -2.76
CA LEU B 4 12.51 -24.65 -3.75
C LEU B 4 12.75 -23.20 -3.35
N ILE B 5 11.93 -22.65 -2.44
CA ILE B 5 12.21 -21.34 -1.85
C ILE B 5 12.24 -21.53 -0.35
N ARG B 6 13.36 -21.16 0.27
CA ARG B 6 13.45 -21.13 1.73
C ARG B 6 13.19 -19.71 2.21
N VAL B 7 12.21 -19.55 3.10
CA VAL B 7 11.97 -18.25 3.72
C VAL B 7 12.41 -18.34 5.17
N GLU B 8 13.46 -17.60 5.50
CA GLU B 8 14.06 -17.57 6.83
C GLU B 8 13.71 -16.25 7.50
N ARG B 9 13.27 -16.33 8.76
CA ARG B 9 12.82 -15.16 9.52
C ARG B 9 13.79 -14.96 10.70
N GLU B 10 14.48 -13.82 10.70
CA GLU B 10 15.19 -13.34 11.87
C GLU B 10 14.62 -11.97 12.26
N THR B 11 15.19 -11.36 13.29
CA THR B 11 14.64 -10.13 13.83
C THR B 11 14.65 -9.02 12.79
N GLY B 12 13.46 -8.64 12.31
CA GLY B 12 13.30 -7.57 11.36
C GLY B 12 13.56 -7.93 9.91
N LEU B 13 14.16 -9.08 9.64
CA LEU B 13 14.63 -9.44 8.30
C LEU B 13 13.95 -10.71 7.84
N LEU B 14 13.43 -10.70 6.61
CA LEU B 14 12.96 -11.90 5.94
C LEU B 14 13.89 -12.18 4.76
N THR B 15 14.39 -13.40 4.68
CA THR B 15 15.30 -13.80 3.61
C THR B 15 14.60 -14.82 2.72
N LEU B 16 14.51 -14.53 1.43
CA LEU B 16 14.03 -15.49 0.45
C LEU B 16 15.26 -16.12 -0.21
N ARG B 17 15.49 -17.41 0.04
CA ARG B 17 16.65 -18.09 -0.50
C ARG B 17 16.23 -19.07 -1.58
N LEU B 18 16.68 -18.83 -2.80
CA LEU B 18 16.42 -19.76 -3.90
C LEU B 18 17.26 -21.00 -3.67
N ASP B 19 16.62 -22.18 -3.71
CA ASP B 19 17.29 -23.43 -3.31
C ASP B 19 16.91 -24.56 -4.25
N ARG B 20 17.33 -24.44 -5.51
CA ARG B 20 17.18 -25.48 -6.52
C ARG B 20 18.53 -25.68 -7.19
N GLN B 21 19.52 -26.01 -6.37
CA GLN B 21 20.92 -25.93 -6.80
C GLN B 21 21.25 -26.91 -7.91
N ASP B 22 20.61 -28.08 -7.92
CA ASP B 22 20.86 -29.05 -8.98
C ASP B 22 20.57 -28.46 -10.36
N LYS B 23 19.66 -27.48 -10.43
CA LYS B 23 19.32 -26.84 -11.69
C LYS B 23 19.78 -25.38 -11.74
N LYS B 24 20.80 -25.03 -10.94
CA LYS B 24 21.35 -23.68 -10.92
C LYS B 24 20.28 -22.65 -10.59
N ASN B 25 19.36 -23.04 -9.71
CA ASN B 25 18.27 -22.18 -9.25
C ASN B 25 17.40 -21.67 -10.39
N ALA B 26 17.29 -22.44 -11.48
CA ALA B 26 16.34 -22.11 -12.54
C ALA B 26 14.93 -22.00 -11.95
N LEU B 27 14.22 -20.94 -12.34
CA LEU B 27 13.01 -20.53 -11.64
C LEU B 27 11.78 -21.22 -12.24
N THR B 28 11.03 -21.92 -11.40
CA THR B 28 9.80 -22.59 -11.81
C THR B 28 8.57 -21.77 -11.39
N ARG B 29 7.40 -22.16 -11.91
CA ARG B 29 6.17 -21.47 -11.54
C ARG B 29 5.94 -21.52 -10.04
N ALA B 30 6.20 -22.67 -9.40
CA ALA B 30 5.96 -22.76 -7.97
C ALA B 30 6.92 -21.86 -7.19
N MET B 31 8.12 -21.61 -7.74
CA MET B 31 9.04 -20.70 -7.08
C MET B 31 8.57 -19.25 -7.20
N TYR B 32 8.15 -18.84 -8.39
CA TYR B 32 7.59 -17.52 -8.57
C TYR B 32 6.40 -17.30 -7.64
N SER B 33 5.49 -18.26 -7.62
CA SER B 33 4.28 -18.15 -6.77
C SER B 33 4.69 -18.05 -5.31
N ARG B 34 5.63 -18.86 -4.88
CA ARG B 34 6.05 -18.80 -3.46
C ARG B 34 6.68 -17.44 -3.14
N MET B 35 7.54 -16.96 -4.03
CA MET B 35 8.19 -15.66 -3.76
C MET B 35 7.15 -14.54 -3.72
N ALA B 36 6.19 -14.57 -4.63
CA ALA B 36 5.15 -13.53 -4.64
C ALA B 36 4.34 -13.60 -3.34
N GLU B 37 4.01 -14.81 -2.93
CA GLU B 37 3.27 -15.00 -1.69
C GLU B 37 4.05 -14.44 -0.51
N ALA B 38 5.33 -14.80 -0.43
CA ALA B 38 6.17 -14.38 0.70
C ALA B 38 6.33 -12.88 0.75
N LEU B 39 6.44 -12.22 -0.41
CA LEU B 39 6.54 -10.76 -0.43
C LEU B 39 5.25 -10.12 0.05
N LEU B 40 4.11 -10.62 -0.42
CA LEU B 40 2.82 -10.06 0.00
C LEU B 40 2.58 -10.23 1.51
N GLU B 41 2.94 -11.35 2.09
CA GLU B 41 2.82 -11.51 3.56
C GLU B 41 3.89 -10.65 4.27
N ALA B 42 5.09 -10.54 3.72
CA ALA B 42 6.15 -9.73 4.31
C ALA B 42 5.66 -8.28 4.35
N GLN B 43 5.04 -7.88 3.27
CA GLN B 43 4.53 -6.52 3.14
C GLN B 43 3.50 -6.21 4.22
N ALA B 44 2.69 -7.21 4.59
CA ALA B 44 1.65 -7.02 5.59
C ALA B 44 2.15 -7.23 7.02
N ASP B 45 3.32 -7.84 7.20
CA ASP B 45 3.83 -8.20 8.52
C ASP B 45 4.67 -7.04 9.07
N THR B 46 4.15 -6.37 10.11
CA THR B 46 4.90 -5.31 10.77
C THR B 46 6.21 -5.80 11.38
N ALA B 47 6.33 -7.10 11.67
CA ALA B 47 7.59 -7.62 12.19
C ALA B 47 8.69 -7.62 11.14
N VAL B 48 8.32 -7.44 9.88
CA VAL B 48 9.31 -7.48 8.77
C VAL B 48 9.57 -6.06 8.29
N ARG B 49 10.82 -5.64 8.39
CA ARG B 49 11.26 -4.30 7.96
C ARG B 49 12.09 -4.37 6.67
N VAL B 50 12.75 -5.49 6.43
CA VAL B 50 13.64 -5.60 5.27
C VAL B 50 13.59 -7.02 4.72
N VAL B 51 13.56 -7.12 3.40
CA VAL B 51 13.57 -8.42 2.72
C VAL B 51 14.90 -8.59 1.97
N LEU B 52 15.52 -9.75 2.10
CA LEU B 52 16.76 -10.07 1.38
C LEU B 52 16.52 -11.22 0.39
N ILE B 53 16.97 -11.08 -0.84
CA ILE B 53 16.81 -12.11 -1.89
C ILE B 53 18.18 -12.67 -2.23
N THR B 54 18.31 -13.99 -2.25
CA THR B 54 19.61 -14.56 -2.51
C THR B 54 19.45 -16.00 -2.99
N GLY B 55 20.47 -16.47 -3.70
CA GLY B 55 20.55 -17.87 -4.06
C GLY B 55 21.62 -18.59 -3.28
N GLY B 56 22.32 -17.88 -2.39
CA GLY B 56 23.39 -18.47 -1.60
C GLY B 56 24.78 -18.12 -2.10
N ASP B 57 25.75 -18.94 -1.66
CA ASP B 57 27.15 -18.60 -1.85
C ASP B 57 27.66 -18.78 -3.27
N ALA B 58 26.98 -19.56 -4.10
CA ALA B 58 27.56 -19.97 -5.38
C ALA B 58 26.75 -19.59 -6.60
N CYS B 59 25.45 -19.35 -6.46
CA CYS B 59 24.60 -19.22 -7.63
C CYS B 59 23.38 -18.41 -7.25
N PHE B 60 23.01 -17.45 -8.09
CA PHE B 60 21.81 -16.64 -7.84
C PHE B 60 20.65 -17.29 -8.59
N THR B 61 20.67 -17.21 -9.92
CA THR B 61 19.75 -18.04 -10.69
C THR B 61 20.19 -18.04 -12.15
N SER B 62 20.05 -19.20 -12.79
CA SER B 62 20.28 -19.32 -14.22
C SER B 62 19.14 -18.77 -15.06
N GLY B 63 18.07 -18.27 -14.46
CA GLY B 63 16.98 -17.65 -15.17
C GLY B 63 15.71 -18.49 -15.08
N ASN B 64 14.72 -18.07 -15.87
CA ASN B 64 13.49 -18.84 -15.99
C ASN B 64 13.82 -20.23 -16.53
N ASP B 65 13.20 -21.25 -15.93
CA ASP B 65 13.35 -22.61 -16.44
C ASP B 65 12.96 -22.66 -17.91
N ILE B 66 13.89 -23.12 -18.76
CA ILE B 66 13.62 -23.12 -20.20
C ILE B 66 12.44 -24.02 -20.52
N LEU B 67 12.32 -25.13 -19.79
CA LEU B 67 11.20 -26.04 -20.01
C LEU B 67 9.87 -25.38 -19.74
N ASP B 68 9.82 -24.44 -18.79
CA ASP B 68 8.61 -23.66 -18.59
C ASP B 68 8.31 -22.80 -19.82
N PHE B 69 9.33 -22.23 -20.45
CA PHE B 69 9.09 -21.39 -21.65
C PHE B 69 8.48 -22.25 -22.76
N LEU B 70 9.01 -23.46 -22.90
CA LEU B 70 8.55 -24.42 -23.94
C LEU B 70 7.15 -25.02 -23.68
N GLU B 71 6.85 -25.36 -22.43
CA GLU B 71 5.53 -25.97 -22.09
C GLU B 71 4.63 -24.92 -21.45
N GLN B 72 3.38 -24.86 -21.91
CA GLN B 72 2.38 -23.88 -21.39
C GLN B 72 2.98 -22.48 -21.38
N PRO B 73 3.29 -21.88 -22.53
CA PRO B 73 3.77 -20.51 -22.54
C PRO B 73 2.69 -19.49 -22.17
N PRO B 74 2.44 -19.27 -20.88
CA PRO B 74 1.53 -18.23 -20.46
C PRO B 74 2.34 -17.12 -19.79
N SER B 75 1.73 -15.95 -19.76
CA SER B 75 2.36 -14.79 -19.10
C SER B 75 1.39 -13.63 -19.05
N LEU B 76 2.00 -12.46 -19.03
CA LEU B 76 1.36 -11.16 -18.76
C LEU B 76 1.00 -11.09 -17.27
N ARG B 77 0.05 -10.24 -16.97
CA ARG B 77 -0.24 -9.93 -15.58
C ARG B 77 -0.65 -11.17 -14.78
N ASP B 78 -1.51 -12.02 -15.35
CA ASP B 78 -2.07 -13.12 -14.54
C ASP B 78 -1.34 -14.43 -14.80
N SER B 79 -0.25 -14.59 -14.08
CA SER B 79 0.62 -15.77 -14.11
C SER B 79 1.52 -15.75 -12.88
N PRO B 80 2.20 -16.85 -12.54
CA PRO B 80 3.10 -16.82 -11.42
C PRO B 80 4.21 -15.78 -11.61
N VAL B 81 4.80 -15.70 -12.80
CA VAL B 81 5.86 -14.69 -13.00
C VAL B 81 5.29 -13.26 -12.90
N GLY B 82 4.12 -13.05 -13.47
CA GLY B 82 3.45 -11.73 -13.41
C GLY B 82 3.19 -11.36 -11.98
N ARG B 83 2.74 -12.30 -11.16
CA ARG B 83 2.50 -11.95 -9.76
C ARG B 83 3.80 -11.67 -9.02
N PHE B 84 4.86 -12.43 -9.31
CA PHE B 84 6.15 -12.11 -8.70
C PHE B 84 6.60 -10.72 -9.12
N MET B 85 6.56 -10.42 -10.42
CA MET B 85 7.05 -9.13 -10.89
C MET B 85 6.29 -7.97 -10.25
N SER B 86 4.97 -8.09 -10.19
CA SER B 86 4.16 -7.04 -9.58
C SER B 86 4.43 -6.95 -8.08
N ALA B 87 4.52 -8.10 -7.39
CA ALA B 87 4.78 -8.06 -5.97
C ALA B 87 6.10 -7.33 -5.66
N LEU B 88 7.14 -7.60 -6.44
CA LEU B 88 8.43 -6.94 -6.20
C LEU B 88 8.40 -5.48 -6.61
N LEU B 89 7.83 -5.18 -7.78
CA LEU B 89 7.75 -3.82 -8.28
C LEU B 89 7.05 -2.90 -7.28
N GLU B 90 5.97 -3.39 -6.66
CA GLU B 90 5.16 -2.58 -5.77
C GLU B 90 5.57 -2.72 -4.30
N PHE B 91 6.58 -3.52 -4.00
CA PHE B 91 6.93 -3.80 -2.60
C PHE B 91 7.38 -2.52 -1.90
N PRO B 92 6.72 -2.13 -0.80
CA PRO B 92 7.02 -0.82 -0.22
C PRO B 92 8.19 -0.79 0.74
N LYS B 93 8.72 -1.92 1.19
CA LYS B 93 9.80 -1.96 2.16
C LYS B 93 11.14 -2.21 1.47
N PRO B 94 12.26 -1.98 2.15
CA PRO B 94 13.57 -2.22 1.51
C PRO B 94 13.73 -3.67 1.09
N VAL B 95 14.26 -3.87 -0.12
CA VAL B 95 14.61 -5.18 -0.65
C VAL B 95 16.08 -5.14 -1.03
N ILE B 96 16.82 -6.13 -0.57
CA ILE B 96 18.26 -6.24 -0.83
C ILE B 96 18.52 -7.55 -1.55
N ALA B 97 19.27 -7.49 -2.65
CA ALA B 97 19.74 -8.68 -3.33
C ALA B 97 21.18 -8.99 -2.95
N ALA B 98 21.49 -10.28 -2.73
CA ALA B 98 22.85 -10.75 -2.53
C ALA B 98 23.13 -11.81 -3.57
N VAL B 99 23.96 -11.47 -4.56
CA VAL B 99 24.08 -12.22 -5.80
C VAL B 99 25.45 -12.85 -5.88
N ASN B 100 25.50 -14.18 -6.12
CA ASN B 100 26.74 -14.88 -6.46
C ASN B 100 26.56 -15.69 -7.74
N GLY B 101 27.66 -15.93 -8.45
CA GLY B 101 27.64 -16.77 -9.63
C GLY B 101 26.67 -16.24 -10.68
N PRO B 102 25.97 -17.13 -11.38
CA PRO B 102 25.11 -16.67 -12.48
C PRO B 102 23.87 -15.92 -11.98
N ALA B 103 23.54 -14.85 -12.69
CA ALA B 103 22.33 -14.07 -12.47
C ALA B 103 21.82 -13.75 -13.87
N VAL B 104 20.96 -14.63 -14.40
CA VAL B 104 20.64 -14.65 -15.82
C VAL B 104 19.17 -14.33 -16.04
N GLY B 105 18.90 -13.53 -17.07
CA GLY B 105 17.53 -13.19 -17.44
C GLY B 105 16.85 -12.37 -16.37
N ILE B 106 15.76 -12.92 -15.80
CA ILE B 106 15.11 -12.23 -14.71
C ILE B 106 16.02 -12.19 -13.48
N GLY B 107 17.04 -13.06 -13.43
CA GLY B 107 18.04 -12.95 -12.39
C GLY B 107 18.77 -11.64 -12.40
N THR B 108 18.91 -11.01 -13.57
CA THR B 108 19.45 -9.67 -13.64
C THR B 108 18.36 -8.61 -13.62
N THR B 109 17.26 -8.80 -14.36
CA THR B 109 16.29 -7.71 -14.41
C THR B 109 15.63 -7.48 -13.05
N LEU B 110 15.51 -8.51 -12.20
CA LEU B 110 14.88 -8.23 -10.92
C LEU B 110 15.75 -7.36 -10.03
N LEU B 111 17.08 -7.35 -10.26
CA LEU B 111 17.95 -6.46 -9.50
C LEU B 111 17.61 -4.99 -9.76
N LEU B 112 16.90 -4.69 -10.86
CA LEU B 112 16.53 -3.32 -11.18
C LEU B 112 15.40 -2.82 -10.30
N HIS B 113 14.79 -3.72 -9.53
CA HIS B 113 13.70 -3.37 -8.64
C HIS B 113 14.07 -3.57 -7.17
N CYS B 114 15.34 -3.72 -6.87
CA CYS B 114 15.82 -3.86 -5.51
C CYS B 114 16.41 -2.52 -5.06
N ASP B 115 16.31 -2.24 -3.76
CA ASP B 115 16.85 -0.99 -3.25
C ASP B 115 18.36 -1.05 -3.04
N LEU B 116 18.92 -2.22 -2.70
CA LEU B 116 20.37 -2.39 -2.69
C LEU B 116 20.71 -3.70 -3.36
N VAL B 117 21.83 -3.71 -4.06
CA VAL B 117 22.27 -4.89 -4.80
C VAL B 117 23.73 -5.12 -4.50
N PHE B 118 24.04 -6.28 -3.92
CA PHE B 118 25.43 -6.67 -3.65
C PHE B 118 25.74 -7.92 -4.45
N VAL B 119 26.88 -7.91 -5.13
CA VAL B 119 27.26 -8.98 -6.03
C VAL B 119 28.67 -9.42 -5.70
N GLY B 120 28.96 -10.70 -5.94
CA GLY B 120 30.34 -11.12 -5.98
C GLY B 120 31.03 -10.52 -7.19
N ARG B 121 32.30 -10.13 -7.02
CA ARG B 121 32.95 -9.47 -8.14
C ARG B 121 33.06 -10.37 -9.36
N ASN B 122 33.07 -11.70 -9.17
CA ASN B 122 33.09 -12.60 -10.31
C ASN B 122 31.72 -13.18 -10.63
N ALA B 123 30.66 -12.61 -10.09
CA ALA B 123 29.32 -13.02 -10.53
C ALA B 123 29.20 -12.82 -12.05
N ARG B 124 28.24 -13.51 -12.65
CA ARG B 124 28.08 -13.47 -14.10
C ARG B 124 26.64 -13.11 -14.44
N LEU B 125 26.45 -11.89 -14.92
CA LEU B 125 25.13 -11.34 -15.18
C LEU B 125 24.93 -11.27 -16.69
N LYS B 126 23.70 -11.55 -17.14
CA LYS B 126 23.41 -11.37 -18.55
C LYS B 126 21.92 -11.44 -18.76
N MET B 127 21.47 -10.86 -19.87
CA MET B 127 20.06 -10.89 -20.27
C MET B 127 20.00 -11.52 -21.65
N PRO B 128 19.87 -12.84 -21.74
CA PRO B 128 20.07 -13.54 -23.01
C PRO B 128 18.78 -13.68 -23.80
N PHE B 129 17.82 -12.76 -23.57
CA PHE B 129 16.52 -12.85 -24.23
C PHE B 129 16.68 -12.97 -25.75
N VAL B 130 17.51 -12.11 -26.33
CA VAL B 130 17.64 -12.08 -27.78
C VAL B 130 18.27 -13.38 -28.31
N ASN B 131 19.17 -13.99 -27.54
CA ASN B 131 19.74 -15.27 -27.94
C ASN B 131 18.69 -16.37 -27.99
N LEU B 132 17.58 -16.21 -27.28
CA LEU B 132 16.49 -17.17 -27.23
C LEU B 132 15.33 -16.77 -28.13
N GLY B 133 15.52 -15.77 -28.99
CA GLY B 133 14.45 -15.27 -29.81
C GLY B 133 13.41 -14.47 -29.07
N LEU B 134 13.75 -13.96 -27.88
CA LEU B 134 12.80 -13.25 -27.05
C LEU B 134 13.25 -11.80 -26.91
N THR B 135 12.55 -11.06 -26.07
CA THR B 135 12.66 -9.61 -25.97
C THR B 135 12.78 -9.21 -24.50
N PRO B 136 13.11 -7.94 -24.22
CA PRO B 136 13.30 -7.50 -22.82
C PRO B 136 12.08 -7.67 -21.93
N GLU B 137 12.33 -7.91 -20.64
CA GLU B 137 11.24 -7.99 -19.69
C GLU B 137 11.57 -7.22 -18.41
N PHE B 138 10.58 -7.19 -17.52
CA PHE B 138 10.62 -6.54 -16.21
C PHE B 138 10.99 -5.06 -16.29
N GLY B 139 10.56 -4.39 -17.36
CA GLY B 139 10.84 -2.98 -17.49
C GLY B 139 12.25 -2.64 -17.93
N SER B 140 13.08 -3.65 -18.23
CA SER B 140 14.47 -3.40 -18.59
C SER B 140 14.58 -2.55 -19.86
N SER B 141 13.61 -2.65 -20.78
CA SER B 141 13.67 -1.83 -22.00
C SER B 141 13.49 -0.34 -21.71
N LEU B 142 12.94 0.00 -20.56
CA LEU B 142 12.87 1.38 -20.09
C LEU B 142 14.02 1.73 -19.17
N ILE B 143 14.28 0.89 -18.17
CA ILE B 143 15.20 1.25 -17.10
C ILE B 143 16.62 1.34 -17.63
N LEU B 144 17.05 0.35 -18.43
CA LEU B 144 18.47 0.33 -18.80
C LEU B 144 18.87 1.43 -19.79
N PRO B 145 18.09 1.73 -20.84
CA PRO B 145 18.48 2.89 -21.68
C PRO B 145 18.45 4.18 -20.92
N ARG B 146 17.53 4.32 -19.95
CA ARG B 146 17.47 5.55 -19.20
C ARG B 146 18.68 5.73 -18.31
N MET B 147 19.10 4.65 -17.63
CA MET B 147 20.22 4.69 -16.71
C MET B 147 21.57 4.69 -17.40
N LEU B 148 21.71 3.89 -18.45
CA LEU B 148 23.00 3.66 -19.07
C LEU B 148 23.19 4.40 -20.39
N GLY B 149 22.12 5.00 -20.92
CA GLY B 149 22.12 5.42 -22.30
C GLY B 149 21.82 4.26 -23.24
N HIS B 150 21.33 4.61 -24.44
CA HIS B 150 20.85 3.57 -25.36
C HIS B 150 21.98 2.60 -25.75
N ALA B 151 23.12 3.12 -26.18
CA ALA B 151 24.16 2.26 -26.75
C ALA B 151 24.64 1.21 -25.75
N LYS B 152 24.90 1.61 -24.51
CA LYS B 152 25.36 0.64 -23.51
C LYS B 152 24.24 -0.35 -23.20
N ALA B 153 23.00 0.13 -23.07
CA ALA B 153 21.88 -0.78 -22.86
C ALA B 153 21.70 -1.71 -24.05
N ALA B 154 21.98 -1.22 -25.25
CA ALA B 154 21.82 -2.04 -26.46
C ALA B 154 22.79 -3.20 -26.46
N GLU B 155 24.02 -2.96 -26.01
CA GLU B 155 24.98 -4.04 -25.85
C GLU B 155 24.42 -5.15 -24.96
N LEU B 156 23.74 -4.76 -23.88
CA LEU B 156 23.18 -5.76 -22.96
C LEU B 156 21.91 -6.41 -23.50
N LEU B 157 21.03 -5.65 -24.15
CA LEU B 157 19.71 -6.15 -24.52
C LEU B 157 19.62 -6.63 -25.96
N MET B 158 20.21 -5.92 -26.92
CA MET B 158 20.17 -6.37 -28.30
C MET B 158 21.23 -7.40 -28.63
N LEU B 159 22.32 -7.50 -27.85
CA LEU B 159 23.36 -8.51 -28.03
C LEU B 159 23.38 -9.57 -26.95
N GLY B 160 22.79 -9.29 -25.79
CA GLY B 160 22.82 -10.24 -24.70
C GLY B 160 24.19 -10.37 -24.08
N GLN B 161 25.00 -9.32 -24.15
CA GLN B 161 26.37 -9.37 -23.64
C GLN B 161 26.38 -9.63 -22.14
N ASP B 162 27.23 -10.55 -21.70
CA ASP B 162 27.33 -10.80 -20.27
C ASP B 162 28.34 -9.87 -19.63
N PHE B 163 28.22 -9.69 -18.32
CA PHE B 163 29.12 -8.79 -17.63
C PHE B 163 29.37 -9.32 -16.23
N SER B 164 30.46 -8.86 -15.63
CA SER B 164 30.85 -9.34 -14.33
C SER B 164 30.17 -8.55 -13.22
N GLY B 165 30.23 -9.07 -11.99
CA GLY B 165 29.76 -8.32 -10.84
C GLY B 165 30.51 -7.01 -10.64
N GLU B 166 31.81 -7.00 -10.96
CA GLU B 166 32.62 -5.76 -10.86
C GLU B 166 32.06 -4.74 -11.85
N GLN B 167 31.79 -5.20 -13.06
CA GLN B 167 31.21 -4.33 -14.11
C GLN B 167 29.84 -3.82 -13.63
N ALA B 168 29.05 -4.69 -13.02
CA ALA B 168 27.71 -4.26 -12.58
C ALA B 168 27.86 -3.13 -11.56
N ALA B 169 28.81 -3.26 -10.64
CA ALA B 169 28.97 -2.18 -9.66
C ALA B 169 29.51 -0.92 -10.33
N ALA B 170 30.43 -1.06 -11.28
CA ALA B 170 30.97 0.10 -11.95
C ALA B 170 29.88 0.87 -12.70
N TRP B 171 28.88 0.15 -13.21
CA TRP B 171 27.79 0.77 -13.97
C TRP B 171 26.66 1.26 -13.08
N GLY B 172 26.69 0.93 -11.80
CA GLY B 172 25.64 1.30 -10.87
C GLY B 172 24.49 0.32 -10.76
N LEU B 173 24.53 -0.80 -11.49
CA LEU B 173 23.49 -1.82 -11.29
C LEU B 173 23.67 -2.54 -9.96
N ALA B 174 24.88 -2.56 -9.43
CA ALA B 174 25.14 -3.05 -8.09
C ALA B 174 25.71 -1.92 -7.25
N ASN B 175 25.39 -1.91 -5.96
CA ASN B 175 25.97 -0.94 -5.05
C ASN B 175 27.42 -1.25 -4.74
N ALA B 176 27.79 -2.53 -4.74
CA ALA B 176 29.14 -2.92 -4.39
C ALA B 176 29.39 -4.32 -4.92
N ALA B 177 30.60 -4.54 -5.41
CA ALA B 177 31.07 -5.87 -5.80
C ALA B 177 32.10 -6.32 -4.77
N LEU B 178 31.91 -7.52 -4.24
CA LEU B 178 32.62 -7.97 -3.07
C LEU B 178 33.31 -9.30 -3.34
N GLU B 179 34.06 -9.75 -2.35
CA GLU B 179 34.72 -11.05 -2.45
C GLU B 179 33.61 -12.07 -2.65
N ASP B 180 33.78 -12.96 -3.59
CA ASP B 180 32.74 -13.91 -3.96
C ASP B 180 32.41 -14.85 -2.82
N GLY B 181 31.12 -15.15 -2.67
CA GLY B 181 30.65 -16.13 -1.72
C GLY B 181 29.96 -15.57 -0.50
N ALA B 182 30.27 -16.17 0.66
CA ALA B 182 29.58 -15.82 1.90
C ALA B 182 29.73 -14.35 2.25
N THR B 183 30.83 -13.71 1.83
CA THR B 183 31.02 -12.29 2.10
C THR B 183 29.87 -11.46 1.52
N VAL B 184 29.37 -11.85 0.35
CA VAL B 184 28.30 -11.07 -0.28
C VAL B 184 27.07 -11.05 0.61
N LEU B 185 26.69 -12.22 1.15
CA LEU B 185 25.47 -12.28 1.95
C LEU B 185 25.66 -11.65 3.31
N GLU B 186 26.86 -11.77 3.89
CA GLU B 186 27.11 -11.13 5.18
C GLU B 186 27.04 -9.62 5.06
N HIS B 187 27.63 -9.07 3.99
CA HIS B 187 27.51 -7.64 3.72
C HIS B 187 26.06 -7.22 3.50
N ALA B 188 25.28 -8.03 2.78
CA ALA B 188 23.87 -7.71 2.56
C ALA B 188 23.09 -7.72 3.86
N ARG B 189 23.37 -8.70 4.72
CA ARG B 189 22.72 -8.73 6.03
C ARG B 189 23.10 -7.50 6.86
N ASP B 190 24.36 -7.07 6.78
CA ASP B 190 24.75 -5.89 7.55
C ASP B 190 24.09 -4.63 6.98
N ALA B 191 23.86 -4.59 5.67
CA ALA B 191 23.08 -3.49 5.11
C ALA B 191 21.64 -3.52 5.62
N ALA B 192 21.06 -4.72 5.76
CA ALA B 192 19.72 -4.85 6.31
C ALA B 192 19.68 -4.33 7.75
N ARG B 193 20.66 -4.76 8.57
CA ARG B 193 20.75 -4.28 9.95
C ARG B 193 20.88 -2.77 10.01
N ARG B 194 21.57 -2.18 9.05
CA ARG B 194 21.69 -0.73 9.00
C ARG B 194 20.31 -0.08 8.81
N PHE B 195 19.46 -0.66 7.96
CA PHE B 195 18.12 -0.13 7.77
C PHE B 195 17.32 -0.15 9.07
N LEU B 196 17.58 -1.12 9.94
CA LEU B 196 16.81 -1.26 11.18
C LEU B 196 17.05 -0.11 12.16
N HIS B 197 18.17 0.58 12.07
CA HIS B 197 18.40 1.72 12.95
C HIS B 197 17.67 2.98 12.53
N LEU B 198 17.07 3.02 11.34
CA LEU B 198 16.46 4.23 10.81
C LEU B 198 14.95 4.25 11.04
N ALA B 199 14.40 5.45 11.08
CA ALA B 199 12.97 5.64 11.23
C ALA B 199 12.23 4.88 10.15
N PRO B 200 11.41 3.88 10.52
CA PRO B 200 10.84 2.99 9.48
C PRO B 200 10.02 3.72 8.45
N SER B 201 9.18 4.68 8.85
CA SER B 201 8.35 5.32 7.85
C SER B 201 9.12 6.35 7.03
N ALA B 202 10.25 6.88 7.53
CA ALA B 202 11.07 7.73 6.68
C ALA B 202 11.71 6.94 5.54
N VAL B 203 12.19 5.73 5.84
CA VAL B 203 12.76 4.85 4.82
C VAL B 203 11.70 4.47 3.79
N VAL B 204 10.55 4.01 4.27
CA VAL B 204 9.49 3.56 3.37
C VAL B 204 8.98 4.73 2.52
N GLU B 205 8.77 5.90 3.15
CA GLU B 205 8.28 7.06 2.40
C GLU B 205 9.33 7.57 1.42
N SER B 206 10.61 7.53 1.81
CA SER B 206 11.66 7.91 0.86
C SER B 206 11.63 7.02 -0.37
N LYS B 207 11.52 5.70 -0.16
CA LYS B 207 11.42 4.76 -1.28
C LYS B 207 10.19 5.07 -2.13
N ARG B 208 9.06 5.38 -1.50
CA ARG B 208 7.86 5.67 -2.28
C ARG B 208 8.06 6.88 -3.17
N LEU B 209 8.65 7.96 -2.62
CA LEU B 209 8.93 9.15 -3.42
C LEU B 209 9.92 8.87 -4.54
N MET B 210 10.91 8.01 -4.27
CA MET B 210 11.87 7.69 -5.34
C MET B 210 11.22 6.96 -6.48
N LYS B 211 10.21 6.13 -6.22
CA LYS B 211 9.54 5.38 -7.27
C LYS B 211 8.36 6.12 -7.90
N ALA B 212 7.78 7.08 -7.18
CA ALA B 212 6.52 7.69 -7.62
C ALA B 212 6.58 8.37 -8.99
N PRO B 213 7.63 9.10 -9.38
CA PRO B 213 7.59 9.72 -10.72
C PRO B 213 7.69 8.70 -11.83
N PHE B 214 8.11 7.46 -11.53
CA PHE B 214 8.42 6.46 -12.56
C PHE B 214 7.41 5.33 -12.66
N ILE B 215 6.70 5.09 -11.58
CA ILE B 215 5.91 3.83 -11.45
C ILE B 215 4.82 3.63 -12.52
N GLU B 216 4.07 4.65 -12.87
CA GLU B 216 2.97 4.46 -13.86
C GLU B 216 3.55 4.02 -15.22
N GLU B 217 4.58 4.71 -15.69
CA GLU B 217 5.23 4.38 -16.98
C GLU B 217 5.83 2.97 -16.87
N LEU B 218 6.47 2.65 -15.76
CA LEU B 218 7.06 1.31 -15.61
C LEU B 218 5.99 0.22 -15.70
N ARG B 219 4.85 0.41 -15.02
CA ARG B 219 3.75 -0.54 -15.12
C ARG B 219 3.30 -0.72 -16.56
N ARG B 220 3.19 0.39 -17.31
CA ARG B 220 2.79 0.33 -18.70
C ARG B 220 3.81 -0.42 -19.55
N VAL B 221 5.11 -0.09 -19.39
CA VAL B 221 6.15 -0.75 -20.17
C VAL B 221 6.19 -2.25 -19.85
N ILE B 222 6.06 -2.61 -18.58
CA ILE B 222 6.03 -4.01 -18.21
C ILE B 222 4.87 -4.72 -18.91
N ALA B 223 3.72 -4.05 -19.01
CA ALA B 223 2.59 -4.64 -19.71
C ALA B 223 2.88 -4.82 -21.19
N GLU B 224 3.40 -3.78 -21.85
CA GLU B 224 3.69 -3.88 -23.29
C GLU B 224 4.77 -4.92 -23.56
N GLU B 225 5.85 -4.92 -22.75
CA GLU B 225 6.86 -5.96 -22.84
C GLU B 225 6.24 -7.34 -22.73
N GLY B 226 5.35 -7.53 -21.75
CA GLY B 226 4.82 -8.85 -21.49
C GLY B 226 3.97 -9.38 -22.63
N ASP B 227 3.19 -8.50 -23.26
CA ASP B 227 2.39 -8.90 -24.42
C ASP B 227 3.28 -9.35 -25.57
N ILE B 228 4.36 -8.60 -25.82
CA ILE B 228 5.31 -8.94 -26.88
C ILE B 228 6.02 -10.24 -26.55
N PHE B 229 6.48 -10.38 -25.30
CA PHE B 229 7.20 -11.56 -24.87
C PHE B 229 6.35 -12.81 -25.06
N SER B 230 5.08 -12.73 -24.64
CA SER B 230 4.18 -13.87 -24.77
C SER B 230 3.94 -14.20 -26.23
N THR B 231 3.74 -13.18 -27.07
CA THR B 231 3.59 -13.42 -28.50
C THR B 231 4.82 -14.11 -29.07
N ARG B 232 6.01 -13.63 -28.70
CA ARG B 232 7.21 -14.24 -29.23
C ARG B 232 7.40 -15.66 -28.74
N LEU B 233 7.00 -15.94 -27.51
CA LEU B 233 7.17 -17.31 -26.97
C LEU B 233 6.38 -18.31 -27.81
N ARG B 234 5.33 -17.82 -28.43
CA ARG B 234 4.47 -18.73 -29.21
C ARG B 234 4.85 -18.65 -30.67
N SER B 235 5.89 -17.90 -30.99
CA SER B 235 6.39 -17.74 -32.36
C SER B 235 7.43 -18.80 -32.68
N PRO B 236 7.43 -19.23 -33.91
CA PRO B 236 8.40 -20.21 -34.42
C PRO B 236 9.84 -19.71 -34.27
N GLU B 237 10.07 -18.51 -34.49
CA GLU B 237 11.43 -18.02 -34.32
C GLU B 237 11.95 -18.35 -32.92
N ALA B 238 11.21 -17.94 -31.90
CA ALA B 238 11.61 -18.21 -30.50
C ALA B 238 11.60 -19.71 -30.17
N ILE B 239 10.61 -20.46 -30.65
CA ILE B 239 10.53 -21.91 -30.29
C ILE B 239 11.80 -22.62 -30.78
N GLU B 240 12.23 -22.31 -31.97
CA GLU B 240 13.48 -22.87 -32.53
C GLU B 240 14.73 -22.39 -31.74
N ALA B 241 14.81 -21.10 -31.40
CA ALA B 241 15.96 -20.60 -30.63
C ALA B 241 15.96 -21.30 -29.28
N LEU B 242 14.81 -21.40 -28.64
CA LEU B 242 14.74 -22.09 -27.35
C LEU B 242 15.02 -23.58 -27.52
N SER B 243 14.52 -24.19 -28.59
CA SER B 243 14.79 -25.60 -28.82
C SER B 243 16.27 -25.83 -29.11
N ALA B 244 16.92 -24.89 -29.80
CA ALA B 244 18.35 -25.00 -30.08
C ALA B 244 19.20 -24.76 -28.84
N PHE B 245 18.68 -24.00 -27.88
CA PHE B 245 19.46 -23.77 -26.66
C PHE B 245 19.47 -25.08 -25.88
N MET B 246 18.29 -25.69 -25.73
CA MET B 246 18.27 -27.07 -25.19
C MET B 246 18.84 -27.96 -26.28
N HIS B 247 19.35 -29.11 -25.90
CA HIS B 247 19.87 -30.08 -26.88
C HIS B 247 20.90 -29.48 -27.84
N ARG B 248 21.82 -28.70 -27.33
CA ARG B 248 22.91 -28.27 -28.23
C ARG B 248 24.19 -28.52 -27.45
#